data_8ADD
#
_entry.id   8ADD
#
_cell.length_a   119.010
_cell.length_b   120.670
_cell.length_c   34.170
_cell.angle_alpha   90.000
_cell.angle_beta   90.000
_cell.angle_gamma   90.000
#
_symmetry.space_group_name_H-M   'C 2 2 21'
#
loop_
_entity.id
_entity.type
_entity.pdbx_description
1 polymer 'ATP-dependent DNA helicase'
2 water water
#
_entity_poly.entity_id   1
_entity_poly.type   'polypeptide(L)'
_entity_poly.pdbx_seq_one_letter_code
;GPLSVAASHCQSDVRYDSNSRNRQ(CSD)TCNAL(MSE)FLAVHNESNQLQSADLDCVLQKGDAVYSSVKRSLQNKGQFV
HDFLNFDELPSTIETNSRCYNIVKHPQRFGFLKDTPALGEYQNLENTLQCLKSGLTDALLLCGGSCIAVFRDRTGRFGYF
DSHSRTPDGKYTGEKSGTAV(MSE)LTFLHLKA(MSE)VEKLLQLFQGCLQLSDQEQFDLLPVSFIEIT
;
_entity_poly.pdbx_strand_id   A
#
# COMPACT_ATOMS: atom_id res chain seq x y z
N PRO A 2 1.93 -13.01 -12.38
CA PRO A 2 2.75 -11.81 -12.54
C PRO A 2 4.23 -12.01 -12.25
N LEU A 3 5.02 -11.00 -12.60
CA LEU A 3 6.43 -10.94 -12.23
C LEU A 3 6.54 -10.41 -10.81
N SER A 4 7.50 -10.95 -10.05
CA SER A 4 7.61 -10.64 -8.63
C SER A 4 9.01 -10.15 -8.30
N VAL A 5 9.08 -9.13 -7.44
CA VAL A 5 10.30 -8.74 -6.77
C VAL A 5 10.02 -8.82 -5.28
N ALA A 6 10.82 -9.60 -4.55
CA ALA A 6 10.61 -9.83 -3.13
C ALA A 6 11.67 -9.11 -2.33
N ALA A 7 11.27 -8.43 -1.27
CA ALA A 7 12.19 -7.93 -0.26
C ALA A 7 12.85 -9.11 0.45
N SER A 8 13.80 -8.85 1.34
CA SER A 8 14.36 -9.94 2.14
C SER A 8 13.54 -10.22 3.39
N HIS A 9 12.57 -9.37 3.71
CA HIS A 9 11.81 -9.46 4.95
C HIS A 9 10.49 -8.71 4.75
N CYS A 10 9.68 -8.67 5.80
CA CYS A 10 8.41 -7.96 5.78
C CYS A 10 8.33 -7.07 7.02
N GLN A 11 7.24 -6.31 7.12
CA GLN A 11 7.16 -5.28 8.15
C GLN A 11 7.02 -5.85 9.56
N SER A 12 6.66 -7.11 9.71
CA SER A 12 6.59 -7.72 11.04
C SER A 12 7.94 -8.30 11.49
N ASP A 13 9.02 -8.04 10.75
CA ASP A 13 10.33 -8.56 11.12
C ASP A 13 10.75 -8.06 12.50
N VAL A 14 11.47 -8.90 13.23
CA VAL A 14 11.89 -8.54 14.58
C VAL A 14 12.95 -7.44 14.60
N ARG A 15 13.53 -7.09 13.46
CA ARG A 15 14.42 -5.95 13.45
C ARG A 15 13.70 -4.65 13.77
N TYR A 16 12.37 -4.61 13.61
CA TYR A 16 11.59 -3.42 13.94
C TYR A 16 11.12 -3.52 15.40
N ASP A 17 11.31 -2.42 16.13
CA ASP A 17 10.91 -2.38 17.53
C ASP A 17 9.42 -2.68 17.67
N SER A 18 9.06 -3.36 18.77
CA SER A 18 7.65 -3.69 19.00
C SER A 18 6.76 -2.46 18.99
N ASN A 19 7.33 -1.28 19.23
CA ASN A 19 6.58 -0.03 19.13
C ASN A 19 5.90 0.12 17.79
N SER A 20 6.54 -0.33 16.71
CA SER A 20 6.02 -0.15 15.37
C SER A 20 5.85 -1.46 14.60
N ARG A 21 6.41 -2.56 15.08
CA ARG A 21 6.40 -3.82 14.35
C ARG A 21 4.99 -4.22 13.91
N ASN A 22 4.83 -4.39 12.60
CA ASN A 22 3.60 -4.82 11.94
C ASN A 22 2.47 -3.81 12.04
N ARG A 23 2.78 -2.54 12.26
CA ARG A 23 1.77 -1.50 12.24
C ARG A 23 2.03 -0.48 11.14
N GLN A 24 3.07 -0.68 10.34
CA GLN A 24 3.56 0.38 9.48
C GLN A 24 3.00 0.41 8.06
N CSD A 25 2.13 -0.53 7.72
CA CSD A 25 1.74 -0.67 6.34
CB CSD A 25 0.69 -1.79 6.17
SG CSD A 25 -0.67 -1.64 7.25
C CSD A 25 1.27 0.54 5.55
O CSD A 25 1.63 0.71 4.37
OD1 CSD A 25 -1.53 -2.71 6.76
OD2 CSD A 25 0.06 -2.40 8.59
H CSD A 25 1.94 -1.36 8.25
HA CSD A 25 2.70 -0.90 5.80
HB2 CSD A 25 1.21 -2.77 6.34
HB3 CSD A 25 0.34 -1.79 5.11
HD2 CSD A 25 -0.49 -2.45 9.36
N THR A 26 0.51 1.44 6.16
CA THR A 26 0.08 2.63 5.42
C THR A 26 1.30 3.52 5.13
N CYS A 27 2.25 3.58 6.06
CA CYS A 27 3.47 4.34 5.81
C CYS A 27 4.35 3.64 4.79
N ASN A 28 4.46 2.31 4.86
CA ASN A 28 5.25 1.57 3.89
C ASN A 28 4.68 1.72 2.48
N ALA A 29 3.36 1.70 2.36
CA ALA A 29 2.74 1.85 1.04
C ALA A 29 3.03 3.24 0.48
N LEU A 30 2.92 4.27 1.32
CA LEU A 30 3.22 5.63 0.87
C LEU A 30 4.67 5.76 0.45
N MSE A 31 5.59 5.24 1.27
CA MSE A 31 7.00 5.32 0.96
C MSE A 31 7.27 4.60 -0.36
O MSE A 31 8.02 5.08 -1.21
CB MSE A 31 7.86 4.74 2.08
CG MSE A 31 9.33 4.74 1.70
SE MSE A 31 10.14 6.53 1.80
CE MSE A 31 9.45 7.17 3.51
H MSE A 31 5.41 4.83 2.01
HA MSE A 31 7.27 6.25 0.89
HB2 MSE A 31 7.75 5.27 2.88
HB3 MSE A 31 7.59 3.82 2.25
HG2 MSE A 31 9.82 4.16 2.31
HG3 MSE A 31 9.43 4.42 0.79
HE1 MSE A 31 9.75 6.56 4.22
HE2 MSE A 31 9.79 8.05 3.68
HE3 MSE A 31 8.49 7.17 3.48
N PHE A 32 6.64 3.43 -0.54
CA PHE A 32 6.84 2.68 -1.78
C PHE A 32 6.49 3.53 -3.00
N LEU A 33 5.35 4.21 -2.94
CA LEU A 33 4.90 4.97 -4.11
C LEU A 33 5.87 6.09 -4.45
N ALA A 34 6.49 6.69 -3.43
CA ALA A 34 7.47 7.75 -3.70
C ALA A 34 8.75 7.18 -4.30
N VAL A 35 9.25 6.07 -3.76
CA VAL A 35 10.48 5.46 -4.26
C VAL A 35 10.27 4.90 -5.67
N HIS A 36 9.13 4.25 -5.89
CA HIS A 36 8.80 3.69 -7.20
C HIS A 36 8.61 4.80 -8.24
N ASN A 37 8.14 5.97 -7.81
CA ASN A 37 8.01 7.08 -8.74
C ASN A 37 9.37 7.60 -9.19
N GLU A 38 10.37 7.53 -8.31
CA GLU A 38 11.73 7.92 -8.70
C GLU A 38 12.32 6.93 -9.70
N SER A 39 12.03 5.65 -9.54
CA SER A 39 12.61 4.59 -10.35
C SER A 39 11.66 3.40 -10.33
N ASN A 40 11.13 3.03 -11.50
CA ASN A 40 10.16 1.92 -11.54
C ASN A 40 10.84 0.57 -11.25
N GLN A 41 12.07 0.40 -11.75
CA GLN A 41 12.77 -0.88 -11.74
C GLN A 41 13.44 -1.11 -10.38
N LEU A 42 12.61 -1.27 -9.37
CA LEU A 42 13.13 -1.48 -8.02
C LEU A 42 13.74 -2.86 -7.89
N GLN A 43 14.83 -2.96 -7.13
CA GLN A 43 15.45 -4.23 -6.80
C GLN A 43 15.02 -4.65 -5.40
N SER A 44 15.31 -5.90 -5.05
CA SER A 44 14.94 -6.39 -3.74
C SER A 44 15.46 -5.46 -2.64
N ALA A 45 16.68 -4.97 -2.77
CA ALA A 45 17.25 -4.11 -1.74
C ALA A 45 16.54 -2.77 -1.65
N ASP A 46 15.95 -2.31 -2.76
CA ASP A 46 15.15 -1.09 -2.71
C ASP A 46 13.89 -1.30 -1.86
N LEU A 47 13.26 -2.47 -1.98
CA LEU A 47 12.09 -2.75 -1.15
C LEU A 47 12.46 -2.87 0.32
N ASP A 48 13.64 -3.45 0.61
CA ASP A 48 14.13 -3.45 1.98
C ASP A 48 14.25 -2.03 2.50
N CYS A 49 14.75 -1.12 1.66
CA CYS A 49 14.92 0.26 2.06
C CYS A 49 13.58 0.92 2.31
N VAL A 50 12.57 0.56 1.51
CA VAL A 50 11.22 1.08 1.71
C VAL A 50 10.70 0.71 3.10
N LEU A 51 10.89 -0.55 3.49
CA LEU A 51 10.40 -1.02 4.78
C LEU A 51 11.11 -0.31 5.92
N GLN A 52 12.41 -0.05 5.76
CA GLN A 52 13.17 0.63 6.80
C GLN A 52 12.71 2.07 6.96
N LYS A 53 12.59 2.79 5.85
CA LYS A 53 12.18 4.20 5.92
C LYS A 53 10.71 4.32 6.32
N GLY A 54 9.86 3.39 5.88
CA GLY A 54 8.47 3.45 6.27
C GLY A 54 8.27 3.21 7.75
N ASP A 55 9.04 2.28 8.32
CA ASP A 55 8.98 2.06 9.76
C ASP A 55 9.42 3.31 10.52
N ALA A 56 10.44 4.01 10.02
CA ALA A 56 10.89 5.23 10.66
C ALA A 56 9.82 6.32 10.60
N VAL A 57 9.13 6.42 9.46
CA VAL A 57 8.04 7.39 9.34
C VAL A 57 6.93 7.07 10.33
N TYR A 58 6.55 5.79 10.41
CA TYR A 58 5.51 5.40 11.35
C TYR A 58 5.88 5.81 12.77
N SER A 59 7.11 5.52 13.18
CA SER A 59 7.55 5.83 14.55
C SER A 59 7.50 7.32 14.82
N SER A 60 7.88 8.13 13.82
CA SER A 60 7.85 9.58 13.96
C SER A 60 6.42 10.10 14.08
N VAL A 61 5.52 9.62 13.23
CA VAL A 61 4.13 10.04 13.32
C VAL A 61 3.53 9.59 14.64
N LYS A 62 3.76 8.34 15.03
CA LYS A 62 3.22 7.86 16.30
C LYS A 62 3.70 8.73 17.46
N ARG A 63 4.99 9.09 17.47
CA ARG A 63 5.52 9.95 18.52
C ARG A 63 4.82 11.30 18.52
N SER A 64 4.65 11.88 17.33
CA SER A 64 3.99 13.18 17.23
C SER A 64 2.60 13.13 17.83
N LEU A 65 1.80 12.14 17.45
CA LEU A 65 0.43 12.06 17.95
C LEU A 65 0.38 11.72 19.43
N GLN A 66 1.35 10.96 19.93
CA GLN A 66 1.38 10.65 21.35
C GLN A 66 1.72 11.88 22.18
N ASN A 67 2.63 12.72 21.68
CA ASN A 67 2.93 13.96 22.37
C ASN A 67 1.73 14.89 22.39
N LYS A 68 0.86 14.78 21.38
CA LYS A 68 -0.38 15.56 21.30
C LYS A 68 -1.57 14.82 21.91
N GLY A 69 -1.35 13.62 22.46
CA GLY A 69 -2.44 12.86 23.03
C GLY A 69 -3.48 12.39 22.04
N GLN A 70 -3.09 12.15 20.79
CA GLN A 70 -4.02 11.76 19.74
C GLN A 70 -3.74 10.36 19.20
N PHE A 71 -3.12 9.51 20.00
CA PHE A 71 -2.82 8.14 19.58
C PHE A 71 -3.64 7.16 20.39
N VAL A 72 -4.53 6.43 19.71
CA VAL A 72 -5.33 5.40 20.36
C VAL A 72 -5.17 4.08 19.61
N HIS A 73 -5.26 4.11 18.29
CA HIS A 73 -5.23 2.89 17.50
C HIS A 73 -3.86 2.68 16.88
N ASP A 74 -3.70 1.52 16.24
CA ASP A 74 -2.39 1.00 15.89
C ASP A 74 -2.00 1.32 14.45
N PHE A 75 -2.88 1.11 13.48
CA PHE A 75 -2.53 1.39 12.08
C PHE A 75 -3.02 2.79 11.72
N LEU A 76 -2.11 3.59 11.14
CA LEU A 76 -2.42 4.97 10.81
C LEU A 76 -3.42 5.01 9.66
N ASN A 77 -4.48 5.79 9.83
CA ASN A 77 -5.48 5.94 8.77
C ASN A 77 -5.02 7.05 7.82
N PHE A 78 -5.80 7.27 6.76
CA PHE A 78 -5.35 8.21 5.74
C PHE A 78 -5.25 9.63 6.30
N ASP A 79 -6.08 9.96 7.30
CA ASP A 79 -6.03 11.29 7.91
C ASP A 79 -4.76 11.52 8.74
N GLU A 80 -4.12 10.45 9.22
CA GLU A 80 -2.94 10.56 10.07
C GLU A 80 -1.63 10.41 9.29
N LEU A 81 -1.71 10.20 7.98
CA LEU A 81 -0.48 10.08 7.21
C LEU A 81 0.29 11.39 7.25
N PRO A 82 1.62 11.32 7.21
CA PRO A 82 2.41 12.56 7.15
C PRO A 82 2.15 13.30 5.84
N SER A 83 2.39 14.60 5.89
CA SER A 83 2.22 15.47 4.74
C SER A 83 3.51 15.65 3.95
N THR A 84 4.64 15.24 4.51
CA THR A 84 5.95 15.32 3.89
C THR A 84 6.64 13.98 4.06
N ILE A 85 7.46 13.60 3.08
CA ILE A 85 8.13 12.31 3.12
C ILE A 85 9.49 12.46 2.46
N GLU A 86 10.48 11.75 3.00
CA GLU A 86 11.86 11.80 2.51
C GLU A 86 12.23 10.42 2.01
N THR A 87 12.75 10.34 0.79
CA THR A 87 13.29 9.08 0.29
C THR A 87 14.79 9.08 0.59
N ASN A 88 15.60 8.48 -0.28
CA ASN A 88 17.04 8.43 -0.04
C ASN A 88 17.63 9.84 -0.03
N SER A 89 17.55 10.53 -1.16
CA SER A 89 18.10 11.87 -1.30
C SER A 89 17.06 12.95 -1.53
N ARG A 90 15.80 12.60 -1.71
CA ARG A 90 14.80 13.58 -2.11
C ARG A 90 13.72 13.70 -1.05
N CYS A 91 13.01 14.82 -1.09
CA CYS A 91 11.94 15.13 -0.15
C CYS A 91 10.73 15.61 -0.94
N TYR A 92 9.54 15.22 -0.46
CA TYR A 92 8.30 15.48 -1.18
C TYR A 92 7.20 15.93 -0.23
N ASN A 93 6.40 16.87 -0.68
CA ASN A 93 5.10 17.10 -0.07
C ASN A 93 4.07 16.18 -0.71
N ILE A 94 3.18 15.66 0.11
CA ILE A 94 2.18 14.68 -0.31
C ILE A 94 0.90 15.42 -0.64
N VAL A 95 0.35 15.16 -1.81
CA VAL A 95 -0.95 15.67 -2.23
C VAL A 95 -1.93 14.52 -2.14
N LYS A 96 -2.90 14.64 -1.22
CA LYS A 96 -3.96 13.65 -1.09
C LYS A 96 -5.13 14.10 -1.95
N HIS A 97 -5.57 13.23 -2.85
CA HIS A 97 -6.69 13.52 -3.73
C HIS A 97 -7.96 12.93 -3.16
N PRO A 98 -9.12 13.31 -3.69
CA PRO A 98 -10.38 12.77 -3.16
C PRO A 98 -10.39 11.25 -3.15
N GLN A 99 -10.80 10.68 -2.02
CA GLN A 99 -10.81 9.24 -1.86
C GLN A 99 -11.95 8.62 -2.64
N ARG A 100 -11.76 7.36 -3.02
CA ARG A 100 -12.79 6.53 -3.63
CA ARG A 100 -12.79 6.53 -3.62
C ARG A 100 -13.10 5.39 -2.67
N PHE A 101 -14.37 4.98 -2.64
CA PHE A 101 -14.79 3.88 -1.78
C PHE A 101 -15.56 2.87 -2.60
N GLY A 102 -15.52 1.63 -2.15
CA GLY A 102 -16.32 0.61 -2.78
C GLY A 102 -16.31 -0.64 -1.94
N PHE A 103 -16.88 -1.70 -2.49
CA PHE A 103 -16.98 -2.98 -1.81
C PHE A 103 -16.28 -4.03 -2.67
N LEU A 104 -15.77 -5.06 -2.02
CA LEU A 104 -14.96 -6.03 -2.75
C LEU A 104 -15.75 -6.63 -3.91
N LYS A 105 -16.97 -7.09 -3.63
CA LYS A 105 -17.81 -7.67 -4.67
C LYS A 105 -19.21 -7.08 -4.73
N ASP A 106 -19.80 -6.75 -3.57
CA ASP A 106 -21.14 -6.20 -3.57
C ASP A 106 -21.20 -4.87 -4.30
N THR A 107 -22.40 -4.53 -4.79
CA THR A 107 -22.66 -3.25 -5.45
C THR A 107 -24.06 -2.83 -5.05
N PRO A 108 -24.24 -2.31 -3.83
CA PRO A 108 -25.59 -1.96 -3.35
C PRO A 108 -26.36 -1.13 -4.37
N ALA A 109 -27.69 -1.29 -4.36
CA ALA A 109 -28.54 -0.58 -5.31
C ALA A 109 -28.42 0.93 -5.19
N LEU A 110 -27.75 1.44 -4.15
CA LEU A 110 -27.48 2.87 -4.07
C LEU A 110 -26.93 3.40 -5.38
N GLY A 111 -26.04 2.63 -6.02
CA GLY A 111 -25.52 2.93 -7.34
C GLY A 111 -24.19 3.66 -7.35
N GLU A 112 -23.95 4.51 -6.37
CA GLU A 112 -22.77 5.38 -6.41
C GLU A 112 -21.47 4.58 -6.29
N TYR A 113 -21.42 3.64 -5.34
CA TYR A 113 -20.20 2.90 -5.04
C TYR A 113 -20.23 1.56 -5.74
N GLN A 114 -19.11 1.19 -6.36
CA GLN A 114 -19.01 0.01 -7.20
C GLN A 114 -18.05 -0.97 -6.54
N ASN A 115 -17.86 -2.13 -7.18
CA ASN A 115 -16.98 -3.15 -6.62
C ASN A 115 -15.53 -2.83 -6.96
N LEU A 116 -14.61 -3.68 -6.50
CA LEU A 116 -13.19 -3.37 -6.63
C LEU A 116 -12.77 -3.39 -8.09
N GLU A 117 -13.20 -4.39 -8.85
CA GLU A 117 -12.80 -4.50 -10.25
C GLU A 117 -13.16 -3.24 -11.02
N ASN A 118 -14.41 -2.79 -10.89
CA ASN A 118 -14.84 -1.63 -11.65
C ASN A 118 -14.24 -0.35 -11.11
N THR A 119 -14.05 -0.26 -9.79
CA THR A 119 -13.45 0.94 -9.23
C THR A 119 -12.02 1.11 -9.71
N LEU A 120 -11.25 0.02 -9.74
CA LEU A 120 -9.84 0.09 -10.11
C LEU A 120 -9.63 0.40 -11.60
N GLN A 121 -10.70 0.43 -12.40
CA GLN A 121 -10.54 0.90 -13.77
C GLN A 121 -9.96 2.31 -13.82
N CYS A 122 -10.06 3.07 -12.72
CA CYS A 122 -9.49 4.40 -12.67
C CYS A 122 -7.97 4.37 -12.91
N LEU A 123 -7.34 3.21 -12.71
CA LEU A 123 -5.91 3.11 -12.91
C LEU A 123 -5.50 3.11 -14.38
N LYS A 124 -6.44 2.94 -15.31
CA LYS A 124 -6.09 2.93 -16.73
C LYS A 124 -5.55 4.29 -17.17
N SER A 125 -6.16 5.37 -16.66
CA SER A 125 -5.69 6.71 -17.00
C SER A 125 -6.00 7.69 -15.86
N GLY A 126 -7.11 7.47 -15.17
CA GLY A 126 -7.57 8.42 -14.17
C GLY A 126 -6.54 8.77 -13.11
N LEU A 127 -5.65 7.83 -12.79
CA LEU A 127 -4.62 8.09 -11.78
C LEU A 127 -3.53 7.04 -11.91
N THR A 128 -2.40 7.30 -11.24
CA THR A 128 -1.25 6.42 -11.36
C THR A 128 -0.79 5.80 -10.05
N ASP A 129 -0.99 6.45 -8.91
CA ASP A 129 -0.50 5.96 -7.63
C ASP A 129 -1.58 6.08 -6.57
N ALA A 130 -1.78 5.03 -5.78
CA ALA A 130 -2.83 5.08 -4.78
C ALA A 130 -2.56 4.08 -3.65
N LEU A 131 -3.03 4.44 -2.47
CA LEU A 131 -3.07 3.52 -1.35
C LEU A 131 -4.43 2.83 -1.35
N LEU A 132 -4.44 1.54 -1.07
CA LEU A 132 -5.66 0.74 -1.05
C LEU A 132 -5.75 0.06 0.32
N LEU A 133 -6.75 0.44 1.10
CA LEU A 133 -6.97 -0.08 2.45
C LEU A 133 -8.24 -0.90 2.47
N CYS A 134 -8.13 -2.14 2.94
CA CYS A 134 -9.30 -3.01 3.02
C CYS A 134 -9.09 -4.00 4.16
N GLY A 135 -10.08 -4.09 5.04
CA GLY A 135 -10.03 -5.05 6.14
C GLY A 135 -8.82 -4.89 7.04
N GLY A 136 -8.41 -3.66 7.31
CA GLY A 136 -7.26 -3.44 8.17
C GLY A 136 -5.92 -3.68 7.52
N SER A 137 -5.87 -3.96 6.22
CA SER A 137 -4.62 -4.15 5.49
C SER A 137 -4.52 -3.12 4.37
N CYS A 138 -3.34 -2.53 4.23
CA CYS A 138 -3.10 -1.49 3.24
C CYS A 138 -2.02 -1.93 2.26
N ILE A 139 -2.27 -1.73 0.97
CA ILE A 139 -1.27 -1.96 -0.06
C ILE A 139 -1.16 -0.69 -0.90
N ALA A 140 -0.14 -0.65 -1.75
CA ALA A 140 0.02 0.41 -2.75
C ALA A 140 -0.25 -0.19 -4.12
N VAL A 141 -1.03 0.51 -4.94
CA VAL A 141 -1.31 0.09 -6.31
C VAL A 141 -0.87 1.20 -7.26
N PHE A 142 -0.51 0.82 -8.49
CA PHE A 142 0.04 1.80 -9.41
C PHE A 142 -0.11 1.37 -10.85
N ARG A 143 -0.06 2.37 -11.73
CA ARG A 143 0.26 2.18 -13.15
C ARG A 143 1.61 2.83 -13.39
N ASP A 144 2.55 2.09 -13.97
CA ASP A 144 3.93 2.56 -14.02
C ASP A 144 4.19 3.30 -15.34
N ARG A 145 5.46 3.68 -15.55
CA ARG A 145 5.79 4.54 -16.68
C ARG A 145 5.56 3.85 -18.03
N THR A 146 5.62 2.52 -18.06
CA THR A 146 5.43 1.78 -19.31
C THR A 146 4.04 1.18 -19.40
N GLY A 147 3.10 1.65 -18.58
CA GLY A 147 1.72 1.22 -18.69
C GLY A 147 1.39 -0.10 -18.04
N ARG A 148 2.31 -0.65 -17.25
CA ARG A 148 2.05 -1.86 -16.49
C ARG A 148 1.32 -1.51 -15.20
N PHE A 149 0.63 -2.51 -14.64
CA PHE A 149 -0.09 -2.37 -13.39
C PHE A 149 0.59 -3.23 -12.33
N GLY A 150 0.56 -2.76 -11.10
CA GLY A 150 1.19 -3.56 -10.06
C GLY A 150 0.80 -3.08 -8.68
N TYR A 151 1.29 -3.81 -7.69
CA TYR A 151 1.08 -3.39 -6.31
C TYR A 151 2.25 -3.83 -5.46
N PHE A 152 2.34 -3.19 -4.30
CA PHE A 152 3.35 -3.50 -3.30
C PHE A 152 2.63 -3.85 -2.01
N ASP A 153 3.06 -4.95 -1.39
CA ASP A 153 2.46 -5.52 -0.20
C ASP A 153 3.57 -5.72 0.82
N SER A 154 3.52 -4.97 1.93
CA SER A 154 4.59 -4.98 2.92
C SER A 154 4.41 -6.06 3.98
N HIS A 155 3.39 -6.90 3.84
CA HIS A 155 3.10 -7.94 4.82
C HIS A 155 3.89 -9.20 4.47
N SER A 156 3.64 -10.26 5.24
CA SER A 156 4.37 -11.51 5.07
C SER A 156 3.73 -12.30 3.93
N ARG A 157 4.42 -12.38 2.80
CA ARG A 157 3.88 -12.97 1.60
C ARG A 157 4.89 -13.93 0.97
N THR A 158 4.36 -14.91 0.24
CA THR A 158 5.17 -15.74 -0.63
C THR A 158 5.55 -14.90 -1.86
N PRO A 159 6.54 -15.36 -2.63
CA PRO A 159 6.92 -14.58 -3.83
C PRO A 159 5.77 -14.32 -4.79
N ASP A 160 4.76 -15.18 -4.83
CA ASP A 160 3.62 -14.98 -5.71
C ASP A 160 2.46 -14.23 -5.06
N GLY A 161 2.65 -13.70 -3.86
CA GLY A 161 1.68 -12.79 -3.26
C GLY A 161 0.73 -13.39 -2.25
N LYS A 162 0.88 -14.66 -1.89
CA LYS A 162 -0.02 -15.29 -0.95
C LYS A 162 0.43 -15.06 0.49
N TYR A 163 -0.54 -14.98 1.39
CA TYR A 163 -0.21 -14.90 2.80
C TYR A 163 0.57 -16.15 3.21
N THR A 164 1.57 -15.95 4.06
CA THR A 164 2.26 -17.06 4.71
C THR A 164 2.61 -16.63 6.12
N GLY A 165 2.50 -17.57 7.05
CA GLY A 165 2.93 -17.37 8.41
C GLY A 165 4.33 -17.82 8.68
N GLU A 166 4.98 -18.43 7.69
CA GLU A 166 6.36 -18.86 7.83
C GLU A 166 7.29 -17.66 7.87
N LYS A 167 8.38 -17.79 8.62
CA LYS A 167 9.37 -16.72 8.72
C LYS A 167 10.06 -16.44 7.39
N SER A 168 9.78 -17.23 6.35
CA SER A 168 10.30 -16.95 5.02
C SER A 168 9.47 -15.92 4.27
N GLY A 169 8.34 -15.50 4.81
CA GLY A 169 7.52 -14.51 4.14
C GLY A 169 8.24 -13.18 4.03
N THR A 170 7.99 -12.48 2.91
CA THR A 170 8.58 -11.17 2.70
C THR A 170 7.54 -10.23 2.09
N ALA A 171 7.85 -8.95 2.12
CA ALA A 171 7.14 -7.99 1.28
C ALA A 171 7.43 -8.29 -0.18
N VAL A 172 6.50 -7.93 -1.05
CA VAL A 172 6.66 -8.22 -2.47
C VAL A 172 6.07 -7.08 -3.31
N MSE A 173 6.63 -6.91 -4.50
CA MSE A 173 5.99 -6.05 -5.49
C MSE A 173 5.73 -6.92 -6.71
O MSE A 173 6.60 -7.65 -7.19
CB MSE A 173 6.81 -4.79 -5.75
CG MSE A 173 6.49 -3.94 -7.00
SE MSE A 173 7.93 -2.92 -7.80
CE MSE A 173 9.09 -4.50 -8.38
H MSE A 173 7.36 -7.28 -4.76
HA MSE A 173 5.15 -5.66 -5.19
HB2 MSE A 173 6.70 -4.20 -4.98
HB3 MSE A 173 7.74 -5.06 -5.83
HG2 MSE A 173 6.15 -4.54 -7.69
HG3 MSE A 173 5.81 -3.30 -6.75
HE1 MSE A 173 8.59 -5.04 -9.01
HE2 MSE A 173 9.90 -4.16 -8.80
HE3 MSE A 173 9.32 -5.02 -7.60
N LEU A 174 4.47 -6.88 -7.16
CA LEU A 174 3.98 -7.73 -8.23
C LEU A 174 3.57 -6.83 -9.38
N THR A 175 3.97 -7.20 -10.59
CA THR A 175 3.74 -6.39 -11.78
C THR A 175 3.03 -7.21 -12.84
N PHE A 176 2.01 -6.62 -13.45
CA PHE A 176 1.12 -7.29 -14.39
C PHE A 176 1.05 -6.51 -15.70
N LEU A 177 0.97 -7.24 -16.81
CA LEU A 177 0.77 -6.58 -18.10
C LEU A 177 -0.67 -6.11 -18.30
N HIS A 178 -1.63 -6.74 -17.63
CA HIS A 178 -3.04 -6.42 -17.80
C HIS A 178 -3.69 -6.13 -16.46
N LEU A 179 -4.49 -5.06 -16.42
CA LEU A 179 -5.13 -4.69 -15.18
C LEU A 179 -6.06 -5.78 -14.67
N LYS A 180 -6.74 -6.48 -15.58
CA LYS A 180 -7.68 -7.52 -15.16
C LYS A 180 -6.96 -8.61 -14.39
N ALA A 181 -5.73 -8.93 -14.81
CA ALA A 181 -4.95 -9.92 -14.07
C ALA A 181 -4.62 -9.44 -12.66
N MSE A 182 -4.33 -8.15 -12.51
CA MSE A 182 -4.01 -7.67 -11.17
C MSE A 182 -5.24 -7.68 -10.28
O MSE A 182 -5.15 -7.97 -9.09
CB MSE A 182 -3.43 -6.26 -11.19
CG MSE A 182 -3.53 -5.58 -9.83
SE MSE A 182 -2.27 -4.11 -9.74
CE MSE A 182 -3.56 -2.67 -9.90
H MSE A 182 -4.31 -7.55 -13.13
HA MSE A 182 -3.32 -8.25 -10.81
HB2 MSE A 182 -2.49 -6.31 -11.43
HB3 MSE A 182 -3.92 -5.73 -11.82
HG2 MSE A 182 -4.43 -5.23 -9.70
HG3 MSE A 182 -3.33 -6.21 -9.12
HE1 MSE A 182 -3.09 -1.82 -9.85
HE2 MSE A 182 -4.01 -2.74 -10.75
HE3 MSE A 182 -4.20 -2.73 -9.17
N VAL A 183 -6.40 -7.35 -10.86
CA VAL A 183 -7.64 -7.38 -10.09
C VAL A 183 -7.93 -8.80 -9.59
N GLU A 184 -7.77 -9.80 -10.47
CA GLU A 184 -7.98 -11.17 -10.01
C GLU A 184 -7.03 -11.51 -8.86
N LYS A 185 -5.76 -11.11 -8.96
CA LYS A 185 -4.81 -11.37 -7.89
C LYS A 185 -5.23 -10.68 -6.59
N LEU A 186 -5.68 -9.43 -6.70
CA LEU A 186 -6.07 -8.71 -5.49
C LEU A 186 -7.28 -9.35 -4.83
N LEU A 187 -8.20 -9.91 -5.62
CA LEU A 187 -9.35 -10.57 -5.02
C LEU A 187 -8.93 -11.89 -4.38
N GLN A 188 -7.96 -12.59 -4.98
CA GLN A 188 -7.39 -13.77 -4.34
C GLN A 188 -6.78 -13.42 -2.99
N LEU A 189 -6.05 -12.30 -2.92
CA LEU A 189 -5.45 -11.85 -1.67
C LEU A 189 -6.52 -11.50 -0.64
N PHE A 190 -7.43 -10.59 -1.00
CA PHE A 190 -8.36 -10.06 0.00
C PHE A 190 -9.40 -11.10 0.39
N GLN A 191 -9.90 -11.87 -0.57
CA GLN A 191 -10.96 -12.82 -0.25
C GLN A 191 -10.46 -14.22 -0.01
N GLY A 192 -9.40 -14.65 -0.69
CA GLY A 192 -8.84 -15.95 -0.44
C GLY A 192 -7.95 -15.96 0.78
N CYS A 193 -6.83 -15.24 0.71
CA CYS A 193 -5.85 -15.31 1.78
C CYS A 193 -6.36 -14.64 3.05
N LEU A 194 -6.99 -13.49 2.94
CA LEU A 194 -7.40 -12.71 4.09
C LEU A 194 -8.86 -12.93 4.46
N GLN A 195 -9.60 -13.71 3.66
CA GLN A 195 -10.93 -14.18 4.01
C GLN A 195 -11.91 -13.04 4.24
N LEU A 196 -11.77 -11.96 3.47
CA LEU A 196 -12.67 -10.83 3.59
C LEU A 196 -13.92 -11.07 2.74
N SER A 197 -15.06 -10.62 3.25
CA SER A 197 -16.33 -10.93 2.64
C SER A 197 -16.66 -9.97 1.49
N ASP A 198 -17.67 -10.35 0.72
CA ASP A 198 -18.05 -9.58 -0.47
C ASP A 198 -18.43 -8.15 -0.13
N GLN A 199 -18.95 -7.91 1.07
CA GLN A 199 -19.44 -6.60 1.48
C GLN A 199 -18.39 -5.78 2.21
N GLU A 200 -17.15 -6.28 2.33
CA GLU A 200 -16.10 -5.52 2.98
C GLU A 200 -15.79 -4.26 2.16
N GLN A 201 -15.71 -3.12 2.82
CA GLN A 201 -15.44 -1.87 2.13
C GLN A 201 -13.94 -1.67 1.96
N PHE A 202 -13.55 -1.09 0.83
CA PHE A 202 -12.18 -0.68 0.60
C PHE A 202 -12.13 0.83 0.43
N ASP A 203 -10.97 1.40 0.71
CA ASP A 203 -10.75 2.84 0.72
C ASP A 203 -9.53 3.10 -0.16
N LEU A 204 -9.69 3.91 -1.20
CA LEU A 204 -8.62 4.14 -2.18
C LEU A 204 -8.21 5.60 -2.11
N LEU A 205 -6.93 5.85 -1.86
CA LEU A 205 -6.41 7.23 -1.76
C LEU A 205 -5.42 7.48 -2.87
N PRO A 206 -5.81 8.20 -3.93
CA PRO A 206 -4.81 8.61 -4.93
C PRO A 206 -3.90 9.67 -4.32
N VAL A 207 -2.61 9.57 -4.63
CA VAL A 207 -1.63 10.52 -4.12
C VAL A 207 -0.76 10.99 -5.27
N SER A 208 -0.32 12.24 -5.17
CA SER A 208 0.71 12.80 -6.03
C SER A 208 1.77 13.41 -5.11
N PHE A 209 2.92 13.70 -5.70
CA PHE A 209 4.07 14.20 -4.95
C PHE A 209 4.57 15.50 -5.56
N ILE A 210 4.91 16.44 -4.69
CA ILE A 210 5.56 17.70 -5.05
C ILE A 210 6.97 17.63 -4.49
N GLU A 211 7.98 17.79 -5.35
CA GLU A 211 9.35 17.69 -4.88
C GLU A 211 9.76 19.01 -4.24
N ILE A 212 10.32 18.94 -3.04
CA ILE A 212 10.86 20.11 -2.35
C ILE A 212 12.34 19.85 -2.12
N THR A 213 12.99 19.28 -3.15
CA THR A 213 14.41 18.90 -3.16
C THR A 213 14.53 17.52 -2.52
#